data_4QXT
#
_entry.id   4QXT
#
_cell.length_a   42.097
_cell.length_b   60.213
_cell.length_c   43.437
_cell.angle_alpha   90.00
_cell.angle_beta   107.12
_cell.angle_gamma   90.00
#
_symmetry.space_group_name_H-M   'P 1 21 1'
#
loop_
_entity.id
_entity.type
_entity.pdbx_description
1 polymer 'Fv fragment(mAb6D8) heavy chain'
2 polymer 'Fv fragment(mAb6D8) light chain'
3 polymer 'Merozoite surface antigen 2'
4 water water
#
loop_
_entity_poly.entity_id
_entity_poly.type
_entity_poly.pdbx_seq_one_letter_code
_entity_poly.pdbx_strand_id
1 'polypeptide(L)'
;QVQLQQSGDELVKPGASVKLSCTVSGFNIKDDFIHWMKQRPEQGLEWIGRIDPANGYTKYAPKFQDKATMTADTSSNTAY
LQLSSLASEDAAVYYCATYGVAYWGQGTLVTVSA
;
A
2 'polypeptide(L)'
;DIVLTQSPASLAVSLGQRATISCKASQSVDHDGDSYMNWFQQKPGQSPKLLIYAASNLESGIPARFSGSGSGTDFTLNIH
PVEEEDAATYYCQQTNEDPYTFGGGTKLEIK
;
B
3 'polypeptide(L)' (ACE)NAYNMSIRRSMANEGSN(NH2) Q
#
# COMPACT_ATOMS: atom_id res chain seq x y z
N GLN A 1 -9.10 -14.32 -8.10
CA GLN A 1 -10.38 -14.79 -7.56
C GLN A 1 -10.61 -14.25 -6.17
N VAL A 2 -9.55 -13.68 -5.58
CA VAL A 2 -9.64 -13.09 -4.27
C VAL A 2 -10.21 -11.68 -4.39
N GLN A 3 -11.20 -11.37 -3.56
CA GLN A 3 -11.78 -10.02 -3.57
C GLN A 3 -11.85 -9.48 -2.15
N LEU A 4 -11.47 -8.23 -1.98
CA LEU A 4 -11.58 -7.57 -0.70
C LEU A 4 -12.62 -6.47 -0.84
N GLN A 5 -13.78 -6.67 -0.24
CA GLN A 5 -14.88 -5.73 -0.40
C GLN A 5 -15.02 -4.87 0.84
N GLN A 6 -14.71 -3.59 0.69
CA GLN A 6 -14.76 -2.70 1.84
C GLN A 6 -16.12 -2.00 1.95
N SER A 7 -16.46 -1.61 3.18
CA SER A 7 -17.74 -0.99 3.48
C SER A 7 -17.84 0.41 2.88
N GLY A 8 -19.05 0.97 2.91
CA GLY A 8 -19.31 2.19 2.20
C GLY A 8 -18.73 3.43 2.84
N ASP A 9 -18.69 4.51 2.07
CA ASP A 9 -18.11 5.74 2.58
C ASP A 9 -18.92 6.27 3.76
N GLU A 10 -18.21 6.90 4.69
CA GLU A 10 -18.82 7.39 5.91
C GLU A 10 -18.51 8.86 6.15
N LEU A 11 -19.55 9.63 6.44
CA LEU A 11 -19.38 10.99 6.97
C LEU A 11 -19.50 10.89 8.48
N VAL A 12 -18.44 11.31 9.18
CA VAL A 12 -18.39 11.16 10.63
C VAL A 12 -18.21 12.50 11.33
N LYS A 13 -18.72 12.58 12.56
CA LYS A 13 -18.60 13.80 13.37
C LYS A 13 -17.36 13.77 14.25
N PRO A 14 -16.74 14.94 14.45
CA PRO A 14 -15.57 15.03 15.34
C PRO A 14 -15.89 14.44 16.71
N GLY A 15 -14.98 13.64 17.27
CA GLY A 15 -15.18 13.05 18.59
C GLY A 15 -15.91 11.72 18.57
N ALA A 16 -16.52 11.40 17.44
CA ALA A 16 -17.24 10.14 17.30
C ALA A 16 -16.30 9.02 16.88
N SER A 17 -16.84 7.82 16.76
CA SER A 17 -16.07 6.68 16.28
CA SER A 17 -16.07 6.68 16.29
C SER A 17 -16.70 6.10 15.05
N VAL A 18 -15.94 5.32 14.30
CA VAL A 18 -16.50 4.65 13.15
C VAL A 18 -15.78 3.31 13.01
N LYS A 19 -16.50 2.31 12.54
CA LYS A 19 -15.92 0.99 12.33
C LYS A 19 -16.06 0.61 10.86
N LEU A 20 -14.93 0.42 10.20
CA LEU A 20 -14.90 0.06 8.79
C LEU A 20 -14.73 -1.45 8.64
N SER A 21 -15.24 -2.00 7.56
CA SER A 21 -15.08 -3.43 7.37
C SER A 21 -14.45 -3.79 6.02
N CYS A 22 -13.89 -5.00 6.00
CA CYS A 22 -13.16 -5.49 4.84
C CYS A 22 -13.52 -6.97 4.74
N THR A 23 -14.47 -7.28 3.87
CA THR A 23 -15.00 -8.64 3.76
C THR A 23 -14.27 -9.34 2.64
N VAL A 24 -13.58 -10.44 2.97
CA VAL A 24 -12.77 -11.13 2.00
C VAL A 24 -13.49 -12.35 1.44
N SER A 25 -13.45 -12.49 0.12
CA SER A 25 -13.99 -13.66 -0.54
C SER A 25 -12.93 -14.31 -1.41
N GLY A 26 -12.99 -15.63 -1.53
CA GLY A 26 -12.03 -16.35 -2.36
C GLY A 26 -10.68 -16.60 -1.69
N PHE A 27 -10.62 -16.34 -0.39
CA PHE A 27 -9.39 -16.48 0.37
C PHE A 27 -9.77 -16.75 1.82
N ASN A 28 -9.11 -17.72 2.45
CA ASN A 28 -9.34 -17.97 3.88
C ASN A 28 -8.50 -17.00 4.69
N ILE A 29 -9.12 -16.04 5.41
CA ILE A 29 -8.28 -15.01 6.02
C ILE A 29 -7.39 -15.53 7.15
N LYS A 30 -7.68 -16.73 7.68
CA LYS A 30 -6.75 -17.34 8.63
C LYS A 30 -5.38 -17.57 7.96
N ASP A 31 -5.37 -17.62 6.63
CA ASP A 31 -4.13 -17.91 5.90
C ASP A 31 -3.10 -16.74 5.82
N ASP A 32 -3.46 -15.54 6.24
CA ASP A 32 -2.54 -14.40 6.09
C ASP A 32 -2.93 -13.21 6.93
N PHE A 33 -1.95 -12.36 7.23
CA PHE A 33 -2.20 -11.04 7.80
C PHE A 33 -3.15 -10.26 6.91
N ILE A 34 -3.94 -9.40 7.54
CA ILE A 34 -4.63 -8.33 6.84
C ILE A 34 -4.04 -7.01 7.29
N HIS A 35 -3.68 -6.19 6.29
CA HIS A 35 -3.05 -4.89 6.51
C HIS A 35 -4.02 -3.76 6.28
N TRP A 36 -3.86 -2.68 7.03
CA TRP A 36 -4.66 -1.50 6.82
C TRP A 36 -3.77 -0.32 6.48
N MET A 37 -4.19 0.46 5.49
CA MET A 37 -3.47 1.63 5.01
C MET A 37 -4.37 2.84 5.03
N LYS A 38 -3.74 3.99 5.16
CA LYS A 38 -4.44 5.27 5.14
C LYS A 38 -3.87 6.11 4.01
N GLN A 39 -4.71 6.84 3.28
CA GLN A 39 -4.20 7.74 2.24
C GLN A 39 -4.89 9.09 2.28
N ARG A 40 -4.06 10.13 2.31
CA ARG A 40 -4.51 11.50 2.21
C ARG A 40 -3.72 12.14 1.09
N PRO A 41 -4.32 13.10 0.37
CA PRO A 41 -3.65 13.62 -0.83
C PRO A 41 -2.33 14.31 -0.51
N GLU A 42 -2.20 14.91 0.66
CA GLU A 42 -0.98 15.63 1.02
C GLU A 42 0.04 14.77 1.76
N GLN A 43 -0.41 14.04 2.77
CA GLN A 43 0.49 13.21 3.59
C GLN A 43 0.73 11.82 2.99
N GLY A 44 -0.02 11.48 1.96
CA GLY A 44 0.25 10.29 1.17
C GLY A 44 -0.19 9.00 1.85
N LEU A 45 0.51 7.93 1.52
CA LEU A 45 0.15 6.58 1.97
C LEU A 45 0.86 6.23 3.25
N GLU A 46 0.10 5.71 4.22
CA GLU A 46 0.64 5.28 5.50
C GLU A 46 0.13 3.89 5.85
N TRP A 47 0.99 3.07 6.43
CA TRP A 47 0.60 1.76 6.92
C TRP A 47 0.14 1.89 8.36
N ILE A 48 -1.08 1.49 8.63
CA ILE A 48 -1.64 1.57 9.98
C ILE A 48 -1.18 0.39 10.84
N GLY A 49 -1.14 -0.78 10.22
CA GLY A 49 -0.76 -1.97 10.97
C GLY A 49 -1.27 -3.22 10.29
N ARG A 50 -1.01 -4.36 10.90
CA ARG A 50 -1.53 -5.63 10.39
C ARG A 50 -2.11 -6.47 11.53
N ILE A 51 -3.11 -7.29 11.19
CA ILE A 51 -3.68 -8.23 12.15
C ILE A 51 -3.54 -9.63 11.60
N ASP A 52 -3.27 -10.59 12.48
CA ASP A 52 -3.27 -12.00 12.12
C ASP A 52 -4.62 -12.58 12.50
N PRO A 53 -5.47 -12.85 11.52
CA PRO A 53 -6.82 -13.32 11.88
C PRO A 53 -6.82 -14.71 12.52
N ALA A 54 -5.74 -15.46 12.34
CA ALA A 54 -5.72 -16.81 12.90
C ALA A 54 -5.60 -16.79 14.42
N ASN A 55 -5.02 -15.73 14.98
CA ASN A 55 -4.83 -15.67 16.43
C ASN A 55 -5.21 -14.31 17.04
N GLY A 56 -5.60 -13.36 16.21
CA GLY A 56 -6.00 -12.07 16.73
C GLY A 56 -4.84 -11.11 17.03
N TYR A 57 -3.61 -11.56 16.81
CA TYR A 57 -2.44 -10.73 17.16
C TYR A 57 -2.36 -9.49 16.28
N THR A 58 -2.12 -8.34 16.89
CA THR A 58 -2.01 -7.09 16.16
C THR A 58 -0.67 -6.37 16.33
N LYS A 59 -0.27 -5.65 15.30
CA LYS A 59 0.91 -4.80 15.30
C LYS A 59 0.53 -3.50 14.62
N TYR A 60 0.73 -2.39 15.33
CA TYR A 60 0.38 -1.06 14.83
C TYR A 60 1.61 -0.21 14.58
N ALA A 61 1.51 0.70 13.64
CA ALA A 61 2.46 1.82 13.60
C ALA A 61 2.20 2.66 14.87
N PRO A 62 3.26 3.14 15.54
CA PRO A 62 3.09 3.91 16.79
C PRO A 62 2.14 5.09 16.66
N LYS A 63 2.09 5.76 15.51
CA LYS A 63 1.20 6.91 15.42
C LYS A 63 -0.28 6.47 15.40
N PHE A 64 -0.55 5.18 15.20
CA PHE A 64 -1.94 4.74 15.19
C PHE A 64 -2.37 3.93 16.41
N GLN A 65 -1.49 3.82 17.40
CA GLN A 65 -1.75 2.93 18.52
C GLN A 65 -2.94 3.28 19.41
N ASP A 66 -3.31 4.55 19.49
CA ASP A 66 -4.50 4.87 20.28
C ASP A 66 -5.53 5.57 19.42
N LYS A 67 -5.49 5.28 18.12
CA LYS A 67 -6.50 5.79 17.20
C LYS A 67 -7.23 4.64 16.55
N ALA A 68 -6.48 3.59 16.21
CA ALA A 68 -7.06 2.48 15.48
C ALA A 68 -7.09 1.23 16.30
N THR A 69 -8.15 0.45 16.12
CA THR A 69 -8.23 -0.90 16.66
C THR A 69 -8.58 -1.86 15.51
N MET A 70 -7.69 -2.82 15.25
CA MET A 70 -7.95 -3.82 14.21
C MET A 70 -8.52 -5.07 14.86
N THR A 71 -9.61 -5.60 14.31
CA THR A 71 -10.12 -6.90 14.72
C THR A 71 -10.44 -7.73 13.48
N ALA A 72 -10.68 -9.03 13.69
CA ALA A 72 -11.05 -9.87 12.58
C ALA A 72 -11.90 -11.03 13.07
N ASP A 73 -12.68 -11.60 12.15
CA ASP A 73 -13.50 -12.75 12.44
C ASP A 73 -13.35 -13.75 11.32
N THR A 74 -12.75 -14.90 11.61
CA THR A 74 -12.57 -15.91 10.60
C THR A 74 -13.94 -16.48 10.23
N SER A 75 -14.86 -16.47 11.19
CA SER A 75 -16.21 -17.01 10.98
C SER A 75 -16.92 -16.31 9.81
N SER A 76 -16.61 -15.03 9.59
CA SER A 76 -17.23 -14.29 8.49
C SER A 76 -16.22 -13.81 7.48
N ASN A 77 -14.96 -14.20 7.66
CA ASN A 77 -13.87 -13.78 6.78
C ASN A 77 -13.82 -12.27 6.63
N THR A 78 -14.05 -11.57 7.74
CA THR A 78 -14.13 -10.12 7.72
C THR A 78 -13.15 -9.49 8.69
N ALA A 79 -12.44 -8.45 8.24
CA ALA A 79 -11.60 -7.65 9.13
C ALA A 79 -12.23 -6.28 9.33
N TYR A 80 -12.00 -5.73 10.52
CA TYR A 80 -12.54 -4.44 10.90
C TYR A 80 -11.46 -3.49 11.36
N LEU A 81 -11.70 -2.22 11.06
CA LEU A 81 -10.85 -1.16 11.55
C LEU A 81 -11.72 -0.13 12.26
N GLN A 82 -11.54 -0.04 13.59
CA GLN A 82 -12.29 0.94 14.36
C GLN A 82 -11.45 2.18 14.58
N LEU A 83 -11.99 3.33 14.21
CA LEU A 83 -11.28 4.58 14.41
C LEU A 83 -11.99 5.33 15.53
N SER A 84 -11.23 5.79 16.52
CA SER A 84 -11.88 6.38 17.69
C SER A 84 -11.59 7.88 17.79
N SER A 85 -12.52 8.58 18.45
CA SER A 85 -12.36 10.00 18.72
C SER A 85 -11.91 10.75 17.48
N LEU A 86 -12.75 10.74 16.45
CA LEU A 86 -12.37 11.22 15.14
C LEU A 86 -12.06 12.71 15.13
N ALA A 87 -11.06 13.07 14.34
CA ALA A 87 -10.68 14.46 14.17
C ALA A 87 -10.39 14.71 12.71
N SER A 88 -10.20 15.98 12.34
CA SER A 88 -10.00 16.36 10.95
C SER A 88 -8.93 15.53 10.24
N GLU A 89 -7.83 15.25 10.93
CA GLU A 89 -6.71 14.55 10.28
C GLU A 89 -7.02 13.06 10.03
N ASP A 90 -8.16 12.58 10.52
CA ASP A 90 -8.58 11.20 10.27
C ASP A 90 -9.36 11.07 8.97
N ALA A 91 -9.76 12.18 8.38
CA ALA A 91 -10.42 12.11 7.07
C ALA A 91 -9.40 11.60 6.05
N ALA A 92 -9.76 10.52 5.35
CA ALA A 92 -8.81 9.83 4.49
C ALA A 92 -9.52 8.71 3.76
N VAL A 93 -8.84 8.10 2.79
CA VAL A 93 -9.29 6.82 2.27
C VAL A 93 -8.54 5.72 3.01
N TYR A 94 -9.26 4.72 3.46
CA TYR A 94 -8.66 3.61 4.17
C TYR A 94 -8.76 2.34 3.33
N TYR A 95 -7.63 1.64 3.22
CA TYR A 95 -7.55 0.40 2.43
C TYR A 95 -7.21 -0.79 3.29
N CYS A 96 -7.75 -1.95 2.94
CA CYS A 96 -7.24 -3.18 3.51
C CYS A 96 -6.51 -3.96 2.42
N ALA A 97 -5.60 -4.84 2.82
CA ALA A 97 -4.81 -5.63 1.84
C ALA A 97 -4.37 -6.92 2.45
N THR A 98 -4.16 -7.93 1.60
CA THR A 98 -3.67 -9.23 2.07
C THR A 98 -2.97 -9.94 0.92
N TYR A 99 -2.56 -11.20 1.14
CA TYR A 99 -1.72 -11.97 0.21
C TYR A 99 -0.38 -11.27 0.11
N GLY A 100 0.38 -11.33 1.20
CA GLY A 100 1.41 -10.33 1.43
C GLY A 100 0.68 -9.00 1.42
N VAL A 101 1.09 -8.11 0.53
CA VAL A 101 0.34 -6.87 0.31
C VAL A 101 -0.06 -6.73 -1.18
N ALA A 102 -0.31 -7.87 -1.82
CA ALA A 102 -0.61 -7.89 -3.26
C ALA A 102 -2.04 -7.52 -3.62
N TYR A 103 -2.99 -7.88 -2.76
CA TYR A 103 -4.41 -7.71 -3.08
C TYR A 103 -5.02 -6.67 -2.15
N TRP A 104 -5.59 -5.62 -2.74
CA TRP A 104 -6.16 -4.52 -1.97
C TRP A 104 -7.66 -4.39 -2.18
N GLY A 105 -8.35 -3.91 -1.13
CA GLY A 105 -9.75 -3.54 -1.24
C GLY A 105 -9.89 -2.24 -2.02
N GLN A 106 -11.11 -1.85 -2.33
CA GLN A 106 -11.36 -0.71 -3.20
C GLN A 106 -11.26 0.62 -2.44
N GLY A 107 -11.10 0.52 -1.12
CA GLY A 107 -11.01 1.71 -0.26
C GLY A 107 -12.34 2.16 0.30
N THR A 108 -12.30 2.73 1.50
CA THR A 108 -13.44 3.37 2.15
C THR A 108 -13.08 4.81 2.43
N LEU A 109 -13.89 5.74 1.92
CA LEU A 109 -13.70 7.16 2.18
C LEU A 109 -14.32 7.55 3.51
N VAL A 110 -13.50 8.08 4.42
CA VAL A 110 -14.02 8.68 5.65
C VAL A 110 -13.89 10.20 5.54
N THR A 111 -15.02 10.90 5.61
CA THR A 111 -15.02 12.36 5.63
C THR A 111 -15.48 12.81 7.01
N VAL A 112 -14.93 13.92 7.49
CA VAL A 112 -15.23 14.39 8.83
C VAL A 112 -15.92 15.76 8.73
N SER A 113 -17.10 15.86 9.32
CA SER A 113 -17.86 17.09 9.21
C SER A 113 -17.38 18.16 10.20
N ALA A 114 -17.68 19.40 9.87
CA ALA A 114 -17.27 20.55 10.66
C ALA A 114 -18.24 20.82 11.82
N ASP B 1 12.31 4.41 11.96
CA ASP B 1 11.48 4.12 10.81
C ASP B 1 12.29 4.35 9.54
N ILE B 2 11.86 3.76 8.43
CA ILE B 2 12.59 3.94 7.19
C ILE B 2 11.89 5.01 6.34
N VAL B 3 12.65 6.01 5.92
CA VAL B 3 12.09 7.06 5.06
C VAL B 3 12.42 6.77 3.62
N LEU B 4 11.40 6.80 2.76
CA LEU B 4 11.58 6.55 1.34
C LEU B 4 11.43 7.84 0.55
N THR B 5 12.43 8.16 -0.26
CA THR B 5 12.43 9.40 -1.01
C THR B 5 12.47 9.06 -2.49
N GLN B 6 11.44 9.48 -3.22
CA GLN B 6 11.38 9.23 -4.65
C GLN B 6 11.90 10.40 -5.48
N SER B 7 12.43 10.08 -6.65
N SER B 7 12.45 10.07 -6.64
CA SER B 7 12.94 11.10 -7.56
CA SER B 7 12.98 11.06 -7.57
C SER B 7 12.73 10.64 -9.00
C SER B 7 12.68 10.60 -9.01
N PRO B 8 12.13 11.49 -9.84
CA PRO B 8 11.65 12.85 -9.55
C PRO B 8 10.28 12.81 -8.92
N ALA B 9 9.71 13.95 -8.52
CA ALA B 9 8.35 13.98 -7.98
C ALA B 9 7.33 13.84 -9.10
N SER B 10 7.69 14.33 -10.28
CA SER B 10 6.84 14.23 -11.45
C SER B 10 7.71 14.20 -12.68
N LEU B 11 7.23 13.50 -13.71
CA LEU B 11 7.90 13.57 -15.00
C LEU B 11 6.95 13.28 -16.12
N ALA B 12 7.23 13.94 -17.24
CA ALA B 12 6.52 13.72 -18.50
C ALA B 12 7.47 13.03 -19.44
N VAL B 13 7.03 11.93 -20.01
N VAL B 13 7.02 11.94 -20.05
CA VAL B 13 7.85 11.20 -20.95
CA VAL B 13 7.85 11.14 -20.93
C VAL B 13 7.14 11.07 -22.28
C VAL B 13 7.16 10.93 -22.26
N SER B 14 7.91 11.02 -23.34
CA SER B 14 7.36 10.81 -24.66
C SER B 14 6.90 9.37 -24.81
N LEU B 15 5.73 9.19 -25.41
CA LEU B 15 5.21 7.86 -25.72
C LEU B 15 6.28 7.01 -26.40
N GLY B 16 6.48 5.79 -25.90
CA GLY B 16 7.40 4.84 -26.52
C GLY B 16 8.84 4.88 -26.03
N GLN B 17 9.15 5.82 -25.16
CA GLN B 17 10.52 5.88 -24.66
C GLN B 17 10.62 5.16 -23.33
N ARG B 18 11.81 5.15 -22.75
CA ARG B 18 11.99 4.56 -21.44
C ARG B 18 11.87 5.60 -20.36
N ALA B 19 11.46 5.15 -19.19
CA ALA B 19 11.46 6.01 -18.01
C ALA B 19 11.95 5.24 -16.79
N THR B 20 12.66 5.94 -15.90
CA THR B 20 13.10 5.34 -14.64
C THR B 20 12.71 6.22 -13.47
N ILE B 21 12.17 5.61 -12.43
CA ILE B 21 11.81 6.30 -11.21
C ILE B 21 12.69 5.74 -10.11
N SER B 22 13.20 6.63 -9.26
CA SER B 22 14.16 6.25 -8.23
C SER B 22 13.49 6.28 -6.86
N CYS B 23 13.83 5.31 -6.02
CA CYS B 23 13.37 5.32 -4.64
C CYS B 23 14.56 5.05 -3.76
N LYS B 24 14.88 5.99 -2.86
CA LYS B 24 16.00 5.82 -1.95
C LYS B 24 15.51 5.70 -0.51
N ALA B 25 15.99 4.67 0.16
CA ALA B 25 15.62 4.41 1.54
C ALA B 25 16.65 4.98 2.48
N SER B 26 16.18 5.50 3.62
CA SER B 26 17.11 6.12 4.57
C SER B 26 17.96 5.10 5.34
N GLN B 27 17.49 3.86 5.41
CA GLN B 27 18.24 2.72 5.96
C GLN B 27 18.02 1.54 5.02
N SER B 28 18.89 0.52 5.12
CA SER B 28 18.77 -0.67 4.27
C SER B 28 17.43 -1.38 4.41
N VAL B 29 16.90 -1.87 3.30
CA VAL B 29 15.68 -2.68 3.38
C VAL B 29 16.00 -4.13 3.00
N ASP B 30 17.28 -4.48 3.07
CA ASP B 30 17.73 -5.86 2.82
C ASP B 30 17.61 -6.73 4.05
N HIS B 31 17.31 -8.00 3.82
CA HIS B 31 17.43 -8.99 4.88
C HIS B 31 17.65 -10.36 4.26
N ASP B 32 18.68 -11.07 4.73
CA ASP B 32 18.99 -12.44 4.26
C ASP B 32 19.06 -12.58 2.74
N GLY B 33 19.67 -11.63 2.08
CA GLY B 33 19.86 -11.71 0.64
C GLY B 33 18.67 -11.28 -0.20
N ASP B 34 17.60 -10.82 0.43
CA ASP B 34 16.47 -10.26 -0.31
C ASP B 34 16.28 -8.78 0.02
N SER B 35 15.62 -8.07 -0.86
CA SER B 35 15.40 -6.63 -0.66
C SER B 35 13.90 -6.37 -0.64
N TYR B 36 13.37 -5.95 0.50
CA TYR B 36 11.91 -5.87 0.65
C TYR B 36 11.39 -4.49 0.24
N MET B 37 11.48 -4.24 -1.07
CA MET B 37 10.95 -3.04 -1.68
C MET B 37 9.91 -3.42 -2.72
N ASN B 38 8.73 -2.81 -2.58
CA ASN B 38 7.66 -2.98 -3.54
C ASN B 38 7.43 -1.70 -4.34
N TRP B 39 6.87 -1.86 -5.53
CA TRP B 39 6.41 -0.72 -6.33
C TRP B 39 4.95 -0.88 -6.65
N PHE B 40 4.19 0.20 -6.47
CA PHE B 40 2.75 0.26 -6.77
C PHE B 40 2.45 1.32 -7.81
N GLN B 41 1.42 1.08 -8.61
CA GLN B 41 0.85 2.06 -9.54
C GLN B 41 -0.51 2.47 -9.02
N GLN B 42 -0.82 3.76 -9.02
CA GLN B 42 -2.18 4.16 -8.66
C GLN B 42 -2.75 5.20 -9.63
N LYS B 43 -3.98 4.98 -10.06
CA LYS B 43 -4.71 5.96 -10.87
C LYS B 43 -5.81 6.57 -10.02
N PRO B 44 -6.24 7.79 -10.35
CA PRO B 44 -7.25 8.49 -9.54
C PRO B 44 -8.50 7.65 -9.30
N GLY B 45 -8.97 7.64 -8.06
CA GLY B 45 -10.17 6.90 -7.70
C GLY B 45 -9.99 5.39 -7.62
N GLN B 46 -8.76 4.90 -7.78
CA GLN B 46 -8.49 3.47 -7.70
C GLN B 46 -7.50 3.11 -6.59
N SER B 47 -7.50 1.85 -6.19
CA SER B 47 -6.54 1.38 -5.20
CA SER B 47 -6.54 1.37 -5.19
C SER B 47 -5.16 1.20 -5.82
N PRO B 48 -4.11 1.34 -5.01
CA PRO B 48 -2.76 1.02 -5.51
C PRO B 48 -2.70 -0.41 -6.05
N LYS B 49 -2.02 -0.59 -7.17
CA LYS B 49 -1.85 -1.89 -7.81
C LYS B 49 -0.39 -2.31 -7.74
N LEU B 50 -0.14 -3.48 -7.15
CA LEU B 50 1.25 -3.96 -7.00
C LEU B 50 1.86 -4.30 -8.36
N LEU B 51 3.05 -3.73 -8.62
CA LEU B 51 3.76 -3.96 -9.89
C LEU B 51 4.94 -4.89 -9.71
N ILE B 52 5.74 -4.60 -8.69
CA ILE B 52 7.00 -5.27 -8.42
C ILE B 52 7.08 -5.57 -6.92
N TYR B 53 7.47 -6.79 -6.56
CA TYR B 53 7.74 -7.06 -5.15
C TYR B 53 9.17 -7.57 -4.95
N ALA B 54 9.69 -7.35 -3.75
CA ALA B 54 11.04 -7.74 -3.36
C ALA B 54 12.06 -7.30 -4.42
N ALA B 55 11.92 -6.01 -4.77
CA ALA B 55 12.83 -5.24 -5.63
C ALA B 55 12.75 -5.55 -7.12
N SER B 56 12.66 -6.81 -7.49
CA SER B 56 12.82 -7.17 -8.90
C SER B 56 11.83 -8.20 -9.42
N ASN B 57 10.86 -8.60 -8.60
CA ASN B 57 9.92 -9.61 -9.07
C ASN B 57 8.67 -8.98 -9.68
N LEU B 58 8.34 -9.39 -10.89
CA LEU B 58 7.18 -8.86 -11.59
C LEU B 58 5.94 -9.56 -11.05
N GLU B 59 4.99 -8.78 -10.55
CA GLU B 59 3.73 -9.32 -10.06
C GLU B 59 2.92 -9.96 -11.20
N SER B 60 2.29 -11.09 -10.91
CA SER B 60 1.38 -11.70 -11.88
C SER B 60 0.37 -10.69 -12.43
N GLY B 61 0.18 -10.67 -13.74
CA GLY B 61 -0.83 -9.82 -14.37
C GLY B 61 -0.33 -8.44 -14.78
N ILE B 62 0.93 -8.17 -14.45
CA ILE B 62 1.59 -6.92 -14.81
C ILE B 62 2.51 -7.12 -16.03
N PRO B 63 2.44 -6.19 -17.01
CA PRO B 63 3.26 -6.33 -18.23
C PRO B 63 4.76 -6.27 -17.95
N ALA B 64 5.52 -7.01 -18.76
CA ALA B 64 6.96 -7.11 -18.57
C ALA B 64 7.69 -5.84 -18.98
N ARG B 65 6.93 -4.85 -19.46
CA ARG B 65 7.46 -3.50 -19.68
C ARG B 65 7.94 -2.89 -18.36
N PHE B 66 7.37 -3.35 -17.25
CA PHE B 66 7.81 -2.92 -15.92
C PHE B 66 8.89 -3.83 -15.38
N SER B 67 9.96 -3.24 -14.84
CA SER B 67 10.97 -4.01 -14.14
C SER B 67 11.53 -3.22 -12.96
N GLY B 68 12.01 -3.95 -11.96
CA GLY B 68 12.61 -3.34 -10.80
C GLY B 68 14.05 -3.74 -10.63
N SER B 69 14.86 -2.83 -10.09
CA SER B 69 16.28 -3.08 -9.83
CA SER B 69 16.25 -3.15 -9.78
C SER B 69 16.68 -2.49 -8.49
N GLY B 70 17.83 -2.90 -7.98
CA GLY B 70 18.38 -2.28 -6.78
C GLY B 70 18.49 -3.18 -5.56
N SER B 71 19.16 -2.65 -4.55
CA SER B 71 19.31 -3.36 -3.29
C SER B 71 19.77 -2.36 -2.25
N GLY B 72 19.66 -2.74 -0.98
CA GLY B 72 20.20 -1.92 0.08
C GLY B 72 19.33 -0.70 0.29
N THR B 73 19.84 0.44 -0.16
CA THR B 73 19.06 1.66 -0.03
C THR B 73 18.62 2.26 -1.35
N ASP B 74 19.10 1.72 -2.47
CA ASP B 74 18.82 2.40 -3.74
C ASP B 74 18.10 1.48 -4.70
N PHE B 75 16.92 1.94 -5.15
CA PHE B 75 16.01 1.15 -5.99
C PHE B 75 15.48 1.93 -7.16
N THR B 76 15.20 1.23 -8.24
CA THR B 76 14.62 1.89 -9.40
C THR B 76 13.55 1.03 -10.03
N LEU B 77 12.54 1.72 -10.56
CA LEU B 77 11.50 1.13 -11.37
C LEU B 77 11.72 1.62 -12.81
N ASN B 78 11.79 0.69 -13.76
CA ASN B 78 11.98 1.04 -15.18
C ASN B 78 10.74 0.67 -15.95
N ILE B 79 10.33 1.54 -16.88
CA ILE B 79 9.22 1.28 -17.76
C ILE B 79 9.74 1.37 -19.18
N HIS B 80 9.51 0.32 -19.97
CA HIS B 80 10.22 0.14 -21.25
C HIS B 80 9.37 -0.72 -22.18
N PRO B 81 8.68 -0.09 -23.17
CA PRO B 81 8.52 1.34 -23.38
C PRO B 81 7.35 1.86 -22.56
N VAL B 82 7.29 3.18 -22.39
CA VAL B 82 6.14 3.81 -21.76
C VAL B 82 4.96 3.83 -22.76
N GLU B 83 3.78 3.50 -22.26
CA GLU B 83 2.55 3.55 -23.03
C GLU B 83 1.54 4.51 -22.41
N GLU B 84 0.51 4.89 -23.17
CA GLU B 84 -0.48 5.85 -22.72
C GLU B 84 -1.09 5.48 -21.36
N GLU B 85 -1.34 4.20 -21.16
CA GLU B 85 -2.05 3.74 -19.97
C GLU B 85 -1.18 3.82 -18.71
N ASP B 86 0.08 4.23 -18.88
CA ASP B 86 1.01 4.29 -17.77
C ASP B 86 0.92 5.59 -16.98
N ALA B 87 0.15 6.54 -17.48
CA ALA B 87 -0.07 7.78 -16.76
C ALA B 87 -0.70 7.43 -15.43
N ALA B 88 0.01 7.75 -14.34
CA ALA B 88 -0.38 7.29 -13.01
C ALA B 88 0.59 7.86 -12.01
N THR B 89 0.34 7.64 -10.73
CA THR B 89 1.33 7.92 -9.70
C THR B 89 1.91 6.60 -9.20
N TYR B 90 3.23 6.58 -9.07
CA TYR B 90 3.95 5.39 -8.69
C TYR B 90 4.52 5.56 -7.30
N TYR B 91 4.36 4.55 -6.47
CA TYR B 91 4.87 4.58 -5.10
C TYR B 91 5.82 3.42 -4.83
N CYS B 92 6.93 3.68 -4.16
CA CYS B 92 7.68 2.57 -3.57
C CYS B 92 7.20 2.36 -2.12
N GLN B 93 7.38 1.15 -1.60
CA GLN B 93 6.99 0.79 -0.24
C GLN B 93 7.99 -0.20 0.28
N GLN B 94 8.52 0.02 1.50
CA GLN B 94 9.39 -1.01 2.09
C GLN B 94 8.63 -1.82 3.13
N THR B 95 8.87 -3.12 3.15
CA THR B 95 8.23 -4.02 4.11
C THR B 95 9.25 -4.84 4.87
N ASN B 96 10.46 -4.29 4.98
CA ASN B 96 11.53 -4.91 5.76
C ASN B 96 11.41 -4.69 7.26
N GLU B 97 10.93 -3.51 7.66
CA GLU B 97 10.92 -3.14 9.07
C GLU B 97 9.59 -2.47 9.40
N ASP B 98 9.03 -2.76 10.57
CA ASP B 98 7.80 -2.12 11.00
C ASP B 98 8.14 -0.73 11.55
N PRO B 99 7.34 0.29 11.22
CA PRO B 99 6.18 0.23 10.34
C PRO B 99 6.57 0.26 8.87
N TYR B 100 5.81 -0.45 8.05
CA TYR B 100 6.03 -0.31 6.61
C TYR B 100 5.87 1.14 6.28
N THR B 101 6.60 1.60 5.27
CA THR B 101 6.53 3.00 4.86
C THR B 101 6.51 3.10 3.35
N PHE B 102 5.96 4.20 2.88
CA PHE B 102 5.80 4.48 1.46
C PHE B 102 6.59 5.71 1.08
N GLY B 103 7.03 5.71 -0.18
CA GLY B 103 7.58 6.92 -0.78
C GLY B 103 6.48 7.92 -1.04
N GLY B 104 6.87 9.16 -1.33
CA GLY B 104 5.90 10.22 -1.54
C GLY B 104 5.20 10.25 -2.88
N GLY B 105 5.59 9.35 -3.77
CA GLY B 105 4.93 9.27 -5.07
C GLY B 105 5.65 9.98 -6.20
N THR B 106 5.52 9.42 -7.39
CA THR B 106 6.02 10.06 -8.60
C THR B 106 4.90 10.05 -9.65
N LYS B 107 4.47 11.22 -10.09
CA LYS B 107 3.37 11.28 -11.04
C LYS B 107 3.94 11.28 -12.44
N LEU B 108 3.55 10.29 -13.24
CA LEU B 108 4.05 10.15 -14.60
C LEU B 108 2.97 10.61 -15.57
N GLU B 109 3.35 11.50 -16.48
CA GLU B 109 2.46 11.93 -17.56
C GLU B 109 3.07 11.56 -18.89
N ILE B 110 2.22 11.38 -19.91
CA ILE B 110 2.68 11.11 -21.27
C ILE B 110 2.61 12.38 -22.09
N LYS B 111 3.60 12.58 -22.94
CA LYS B 111 3.58 13.71 -23.86
C LYS B 111 3.76 13.27 -25.31
N ASN C 2 4.29 -14.91 -7.75
CA ASN C 2 3.74 -15.12 -6.41
C ASN C 2 4.31 -14.17 -5.34
N ALA C 3 3.52 -13.19 -4.97
CA ALA C 3 3.93 -12.11 -4.08
C ALA C 3 3.67 -12.42 -2.61
N TYR C 4 3.02 -13.55 -2.33
CA TYR C 4 2.64 -13.83 -0.95
C TYR C 4 3.84 -13.92 -0.04
N ASN C 5 4.87 -14.62 -0.48
CA ASN C 5 6.00 -14.91 0.39
C ASN C 5 6.93 -13.73 0.61
N MET C 6 7.08 -12.88 -0.40
CA MET C 6 8.15 -11.89 -0.41
C MET C 6 7.68 -10.45 -0.53
N SER C 7 6.39 -10.18 -0.69
CA SER C 7 5.97 -8.78 -0.74
C SER C 7 5.93 -8.16 0.65
N ILE C 8 6.00 -9.02 1.67
CA ILE C 8 6.35 -8.58 3.02
C ILE C 8 7.47 -9.47 3.54
N ARG C 9 8.23 -8.99 4.52
CA ARG C 9 9.21 -9.85 5.16
C ARG C 9 8.53 -10.69 6.22
N ARG C 10 8.64 -12.00 6.07
CA ARG C 10 8.01 -12.93 7.01
C ARG C 10 9.04 -13.52 7.97
N SER C 11 9.11 -12.93 9.17
CA SER C 11 10.06 -13.32 10.21
C SER C 11 9.34 -13.45 11.56
#